data_6ABV
#
_entry.id   6ABV
#
_cell.length_a   61.711
_cell.length_b   93.622
_cell.length_c   130.228
_cell.angle_alpha   90.000
_cell.angle_beta   90.000
_cell.angle_gamma   90.000
#
_symmetry.space_group_name_H-M   'C 2 2 21'
#
loop_
_entity.id
_entity.type
_entity.pdbx_description
1 polymer 'Citrate synthase'
2 non-polymer GLYCEROL
3 water water
#
_entity_poly.entity_id   1
_entity_poly.type   'polypeptide(L)'
_entity_poly.pdbx_seq_one_letter_code
;MRGSHHHHHHGSSQISRGLENVFIKTTSLTYIDGENGILRYGGYDIEDLVEHTSFEEVVHLMLYGDLPTKLQLQRLKSAL
DEAYEVPQQVIDMIYSLPRDSDAVGMMETAFSALSSIYGMPWNKATNRDNAVKLVARASTVVANVLRAKEGKKPAIPEPS
ESFAKSFLKASFSRTPTEEEVKAMDAALILYADHEVPASTTAALVTSSTLSDIYSCVVAALAALKGPLHGGAAEEAFKQF
VEIGEPDMTESWFKRKIIEGKSRLMGFGHRVYKTYDPRAKIFKKYAKVISERNSDARKYFEIAQKLEELGVETFGAKHIY
PNTDFYSGVVFYALGFPVYMFTSLFALSRTLGWTAHVIEYVEDQHRLIRPRALYVGPLKRDVVPIELRG
;
_entity_poly.pdbx_strand_id   A
#
# COMPACT_ATOMS: atom_id res chain seq x y z
N VAL A 22 9.69 -21.22 0.63
CA VAL A 22 10.23 -21.31 2.03
C VAL A 22 9.44 -20.46 3.05
N PHE A 23 8.57 -21.10 3.86
CA PHE A 23 7.82 -20.41 4.93
C PHE A 23 8.78 -19.66 5.88
N ILE A 24 8.65 -18.33 5.93
CA ILE A 24 9.50 -17.52 6.81
C ILE A 24 8.85 -17.40 8.18
N LYS A 25 7.52 -17.56 8.23
CA LYS A 25 6.82 -17.44 9.50
C LYS A 25 5.44 -18.05 9.38
N THR A 26 4.81 -18.23 10.53
CA THR A 26 3.40 -18.44 10.58
C THR A 26 2.66 -17.12 10.73
N THR A 27 1.39 -17.14 10.34
CA THR A 27 0.53 -15.99 10.53
C THR A 27 -0.94 -16.36 10.87
N SER A 28 -1.59 -15.49 11.64
CA SER A 28 -3.01 -15.54 11.89
C SER A 28 -3.71 -14.44 11.19
N LEU A 29 -2.96 -13.67 10.38
CA LEU A 29 -3.48 -12.47 9.79
C LEU A 29 -4.31 -12.70 8.55
N THR A 30 -3.70 -13.32 7.51
CA THR A 30 -4.29 -13.29 6.19
C THR A 30 -4.28 -14.73 5.63
N TYR A 31 -5.44 -15.06 5.03
CA TYR A 31 -5.74 -16.37 4.30
C TYR A 31 -6.08 -16.12 2.92
N ILE A 32 -5.40 -16.82 2.00
CA ILE A 32 -5.64 -16.63 0.61
C ILE A 32 -5.86 -18.01 -0.03
N ASP A 33 -6.95 -18.15 -0.80
CA ASP A 33 -7.24 -19.38 -1.65
C ASP A 33 -7.29 -18.94 -3.05
N GLY A 34 -6.18 -19.10 -3.75
CA GLY A 34 -6.07 -18.60 -5.09
C GLY A 34 -6.90 -19.32 -6.16
N GLU A 35 -7.20 -20.59 -5.88
CA GLU A 35 -8.10 -21.37 -6.81
C GLU A 35 -9.53 -20.88 -6.81
N ASN A 36 -9.99 -20.45 -5.62
CA ASN A 36 -11.33 -20.04 -5.36
C ASN A 36 -11.50 -18.53 -5.23
N GLY A 37 -10.41 -17.75 -5.26
CA GLY A 37 -10.61 -16.29 -5.30
C GLY A 37 -11.12 -15.75 -3.94
N ILE A 38 -10.62 -16.37 -2.91
CA ILE A 38 -10.95 -15.98 -1.51
C ILE A 38 -9.77 -15.34 -0.78
N LEU A 39 -10.07 -14.22 -0.20
CA LEU A 39 -9.12 -13.53 0.72
C LEU A 39 -9.89 -13.23 2.03
N ARG A 40 -9.29 -13.62 3.13
CA ARG A 40 -9.80 -13.31 4.45
C ARG A 40 -8.72 -12.70 5.33
N TYR A 41 -9.11 -11.68 6.08
CA TYR A 41 -8.33 -11.24 7.26
C TYR A 41 -8.91 -11.79 8.57
N GLY A 42 -8.13 -12.57 9.29
CA GLY A 42 -8.52 -13.06 10.63
C GLY A 42 -9.81 -13.89 10.58
N GLY A 43 -9.94 -14.63 9.51
CA GLY A 43 -11.22 -15.39 9.14
C GLY A 43 -12.38 -14.68 8.50
N TYR A 44 -12.32 -13.33 8.36
CA TYR A 44 -13.38 -12.58 7.78
C TYR A 44 -13.12 -12.31 6.31
N ASP A 45 -14.11 -12.55 5.46
CA ASP A 45 -13.87 -12.43 4.03
C ASP A 45 -13.71 -10.99 3.73
N ILE A 46 -12.81 -10.65 2.79
CA ILE A 46 -12.61 -9.26 2.44
C ILE A 46 -13.86 -8.55 2.07
N GLU A 47 -14.78 -9.17 1.29
CA GLU A 47 -15.94 -8.39 0.90
C GLU A 47 -16.81 -8.02 2.07
N ASP A 48 -16.90 -8.93 3.03
CA ASP A 48 -17.72 -8.74 4.27
C ASP A 48 -17.09 -7.60 5.09
N LEU A 49 -15.74 -7.61 5.20
CA LEU A 49 -15.05 -6.48 5.89
C LEU A 49 -15.26 -5.15 5.21
N VAL A 50 -15.17 -5.12 3.88
CA VAL A 50 -15.35 -3.84 3.21
C VAL A 50 -16.76 -3.33 3.34
N GLU A 51 -17.75 -4.19 3.12
CA GLU A 51 -19.16 -3.71 3.13
C GLU A 51 -19.65 -3.29 4.52
N HIS A 52 -19.22 -4.02 5.53
CA HIS A 52 -19.82 -3.93 6.87
C HIS A 52 -18.86 -3.44 7.95
N THR A 53 -17.61 -3.12 7.62
CA THR A 53 -16.72 -2.60 8.70
C THR A 53 -16.06 -1.30 8.25
N SER A 54 -14.77 -1.12 8.55
CA SER A 54 -14.11 0.16 8.37
C SER A 54 -12.62 -0.08 8.59
N PHE A 55 -11.81 0.84 8.09
CA PHE A 55 -10.43 0.61 8.23
C PHE A 55 -10.06 0.56 9.72
N GLU A 56 -10.61 1.47 10.51
CA GLU A 56 -10.34 1.44 11.98
C GLU A 56 -10.63 0.07 12.59
N GLU A 57 -11.76 -0.51 12.20
CA GLU A 57 -12.10 -1.84 12.69
C GLU A 57 -11.15 -2.91 12.24
N VAL A 58 -10.68 -2.79 10.99
CA VAL A 58 -9.74 -3.76 10.45
C VAL A 58 -8.31 -3.60 11.09
N VAL A 59 -7.96 -2.39 11.40
CA VAL A 59 -6.79 -2.11 12.25
C VAL A 59 -6.83 -2.85 13.54
N HIS A 60 -7.99 -2.79 14.25
CA HIS A 60 -8.17 -3.51 15.49
C HIS A 60 -8.08 -5.00 15.28
N LEU A 61 -8.68 -5.48 14.20
CA LEU A 61 -8.62 -6.93 13.83
C LEU A 61 -7.23 -7.48 13.63
N MET A 62 -6.42 -6.75 12.86
CA MET A 62 -5.07 -7.12 12.57
C MET A 62 -4.13 -7.04 13.78
N LEU A 63 -4.33 -6.05 14.65
CA LEU A 63 -3.48 -5.93 15.83
C LEU A 63 -3.87 -6.69 17.05
N TYR A 64 -5.19 -6.89 17.23
CA TYR A 64 -5.73 -7.48 18.46
C TYR A 64 -6.42 -8.83 18.23
N GLY A 65 -6.74 -9.18 16.97
CA GLY A 65 -7.25 -10.50 16.57
C GLY A 65 -8.76 -10.58 16.48
N ASP A 66 -9.50 -9.51 16.76
CA ASP A 66 -10.96 -9.50 16.58
C ASP A 66 -11.45 -8.18 16.24
N LEU A 67 -12.64 -8.13 15.63
CA LEU A 67 -13.30 -6.87 15.43
C LEU A 67 -13.61 -6.23 16.80
N PRO A 68 -13.64 -4.88 16.87
CA PRO A 68 -13.70 -4.27 18.20
C PRO A 68 -15.18 -4.12 18.67
N THR A 69 -15.37 -4.08 19.96
CA THR A 69 -16.63 -3.63 20.52
C THR A 69 -16.73 -2.15 20.33
N LYS A 70 -17.90 -1.60 20.65
CA LYS A 70 -18.03 -0.13 20.67
C LYS A 70 -17.00 0.63 21.52
N LEU A 71 -16.71 0.14 22.72
CA LEU A 71 -15.77 0.83 23.59
C LEU A 71 -14.31 0.73 23.04
N GLN A 72 -13.93 -0.46 22.62
CA GLN A 72 -12.60 -0.69 22.04
C GLN A 72 -12.42 0.20 20.78
N LEU A 73 -13.44 0.34 19.95
CA LEU A 73 -13.36 1.22 18.80
C LEU A 73 -13.25 2.67 19.17
N GLN A 74 -13.98 3.08 20.20
CA GLN A 74 -13.83 4.48 20.67
C GLN A 74 -12.41 4.81 21.12
N ARG A 75 -11.81 3.89 21.82
CA ARG A 75 -10.46 4.07 22.36
C ARG A 75 -9.42 4.09 21.20
N LEU A 76 -9.53 3.14 20.27
CA LEU A 76 -8.67 3.14 19.09
C LEU A 76 -8.81 4.44 18.29
N LYS A 77 -10.03 4.92 18.10
CA LYS A 77 -10.19 6.18 17.41
C LYS A 77 -9.50 7.35 18.13
N SER A 78 -9.62 7.39 19.47
CA SER A 78 -8.91 8.45 20.25
C SER A 78 -7.37 8.33 20.09
N ALA A 79 -6.88 7.10 20.11
CA ALA A 79 -5.43 6.90 19.99
C ALA A 79 -4.97 7.38 18.58
N LEU A 80 -5.74 7.11 17.54
CA LEU A 80 -5.43 7.59 16.19
C LEU A 80 -5.39 9.11 16.13
N ASP A 81 -6.42 9.74 16.64
CA ASP A 81 -6.54 11.18 16.69
C ASP A 81 -5.39 11.86 17.34
N GLU A 82 -4.95 11.33 18.46
CA GLU A 82 -3.89 11.98 19.22
C GLU A 82 -2.53 11.81 18.56
N ALA A 83 -2.41 10.83 17.65
CA ALA A 83 -1.13 10.58 16.97
C ALA A 83 -0.86 11.33 15.68
N TYR A 84 -1.84 11.88 15.01
CA TYR A 84 -1.67 12.50 13.76
C TYR A 84 -0.57 13.54 13.75
N GLU A 85 -0.49 14.32 14.82
CA GLU A 85 0.45 15.44 14.84
C GLU A 85 1.87 14.87 14.99
N VAL A 86 2.77 15.33 14.12
CA VAL A 86 4.21 15.03 14.25
C VAL A 86 5.03 16.31 14.33
N PRO A 87 6.30 16.18 14.71
CA PRO A 87 7.03 17.48 14.82
C PRO A 87 7.22 18.13 13.52
N GLN A 88 7.34 19.46 13.55
CA GLN A 88 7.43 20.21 12.35
C GLN A 88 8.67 19.82 11.58
N GLN A 89 9.71 19.36 12.27
CA GLN A 89 10.92 18.92 11.55
C GLN A 89 10.64 17.83 10.55
N VAL A 90 9.68 16.96 10.86
CA VAL A 90 9.34 15.87 9.94
C VAL A 90 8.69 16.41 8.65
N ILE A 91 7.74 17.34 8.79
CA ILE A 91 7.16 17.98 7.63
C ILE A 91 8.23 18.76 6.81
N ASP A 92 9.14 19.47 7.48
CA ASP A 92 10.20 20.28 6.81
C ASP A 92 11.07 19.43 5.97
N MET A 93 11.30 18.22 6.46
CA MET A 93 12.11 17.27 5.65
C MET A 93 11.50 16.86 4.37
N ILE A 94 10.20 16.58 4.40
CA ILE A 94 9.44 16.23 3.24
C ILE A 94 9.53 17.37 2.20
N TYR A 95 9.26 18.52 2.72
CA TYR A 95 9.28 19.74 1.90
C TYR A 95 10.67 20.23 1.47
N SER A 96 11.76 19.73 2.09
CA SER A 96 13.12 20.05 1.60
C SER A 96 13.63 19.08 0.46
N LEU A 97 13.00 17.93 0.24
CA LEU A 97 13.38 17.10 -0.85
C LEU A 97 13.01 17.65 -2.23
N PRO A 98 13.77 17.29 -3.27
CA PRO A 98 13.26 17.73 -4.60
C PRO A 98 11.82 17.33 -4.89
N ARG A 99 11.00 18.27 -5.37
CA ARG A 99 9.59 17.98 -5.60
C ARG A 99 9.30 16.88 -6.62
N ASP A 100 10.29 16.56 -7.46
CA ASP A 100 10.16 15.47 -8.43
C ASP A 100 10.67 14.14 -7.89
N SER A 101 11.00 14.10 -6.60
CA SER A 101 11.46 12.84 -5.96
C SER A 101 10.30 11.83 -5.88
N ASP A 102 10.64 10.57 -5.99
CA ASP A 102 9.69 9.47 -5.87
C ASP A 102 8.96 9.59 -4.52
N ALA A 103 7.63 9.59 -4.59
CA ALA A 103 6.85 9.73 -3.38
C ALA A 103 7.17 8.62 -2.31
N VAL A 104 7.40 7.36 -2.71
CA VAL A 104 7.77 6.32 -1.74
C VAL A 104 9.09 6.64 -1.03
N GLY A 105 10.06 7.26 -1.74
CA GLY A 105 11.28 7.73 -1.14
C GLY A 105 11.11 8.85 -0.15
N MET A 106 10.22 9.80 -0.48
CA MET A 106 9.85 10.82 0.45
C MET A 106 9.24 10.23 1.70
N MET A 107 8.42 9.17 1.56
CA MET A 107 7.90 8.50 2.74
C MET A 107 9.00 7.86 3.55
N GLU A 108 9.97 7.19 2.86
CA GLU A 108 11.11 6.56 3.47
C GLU A 108 11.89 7.53 4.39
N THR A 109 12.08 8.72 3.84
CA THR A 109 12.81 9.77 4.57
C THR A 109 12.04 10.24 5.79
N ALA A 110 10.75 10.51 5.62
CA ALA A 110 9.90 10.90 6.71
C ALA A 110 9.79 9.87 7.79
N PHE A 111 9.69 8.58 7.40
CA PHE A 111 9.62 7.57 8.40
C PHE A 111 10.94 7.36 9.14
N SER A 112 12.06 7.60 8.46
CA SER A 112 13.35 7.59 9.14
C SER A 112 13.42 8.61 10.26
N ALA A 113 12.96 9.81 9.94
CA ALA A 113 12.88 10.87 10.94
C ALA A 113 11.94 10.54 12.08
N LEU A 114 10.75 9.98 11.76
CA LEU A 114 9.84 9.42 12.78
C LEU A 114 10.46 8.35 13.64
N SER A 115 11.24 7.42 13.05
CA SER A 115 11.96 6.48 13.82
C SER A 115 12.96 7.10 14.84
N SER A 116 13.68 8.10 14.39
CA SER A 116 14.67 8.78 15.25
C SER A 116 13.94 9.53 16.38
N ILE A 117 12.76 10.10 16.08
CA ILE A 117 12.00 10.89 17.11
C ILE A 117 11.20 9.99 18.09
N TYR A 118 10.48 9.01 17.52
CA TYR A 118 9.50 8.23 18.27
C TYR A 118 9.86 6.81 18.53
N GLY A 119 10.93 6.34 17.92
CA GLY A 119 11.28 4.86 18.01
C GLY A 119 11.43 4.42 19.46
N MET A 120 10.74 3.34 19.83
CA MET A 120 10.87 2.76 21.16
C MET A 120 11.24 1.28 21.08
N PRO A 121 11.83 0.70 22.16
CA PRO A 121 12.07 -0.75 22.15
C PRO A 121 10.77 -1.57 22.14
N TRP A 122 10.96 -2.77 21.63
CA TRP A 122 9.89 -3.75 21.63
C TRP A 122 9.44 -4.09 23.06
N ASN A 123 8.13 -4.15 23.23
CA ASN A 123 7.54 -4.28 24.55
C ASN A 123 6.14 -4.82 24.39
N LYS A 124 5.85 -6.07 24.82
CA LYS A 124 4.48 -6.60 24.58
C LYS A 124 3.31 -5.70 24.96
N ALA A 125 3.38 -4.98 26.08
CA ALA A 125 2.22 -4.14 26.53
C ALA A 125 1.94 -2.95 25.61
N THR A 126 2.96 -2.50 24.86
CA THR A 126 2.84 -1.29 24.08
C THR A 126 3.08 -1.43 22.58
N ASN A 127 3.43 -2.63 22.08
CA ASN A 127 3.66 -2.79 20.66
C ASN A 127 2.46 -2.35 19.82
N ARG A 128 1.25 -2.80 20.17
CA ARG A 128 0.09 -2.46 19.37
C ARG A 128 -0.25 -0.99 19.43
N ASP A 129 -0.15 -0.36 20.61
CA ASP A 129 -0.29 1.05 20.68
C ASP A 129 0.70 1.81 19.82
N ASN A 130 1.96 1.38 19.76
CA ASN A 130 2.96 2.00 18.89
C ASN A 130 2.52 1.81 17.45
N ALA A 131 2.04 0.63 17.09
CA ALA A 131 1.58 0.41 15.68
C ALA A 131 0.42 1.34 15.29
N VAL A 132 -0.56 1.53 16.19
CA VAL A 132 -1.68 2.38 15.94
C VAL A 132 -1.24 3.79 15.69
N LYS A 133 -0.26 4.25 16.49
CA LYS A 133 0.24 5.61 16.31
C LYS A 133 0.96 5.77 14.95
N LEU A 134 1.69 4.71 14.60
CA LEU A 134 2.40 4.63 13.34
C LEU A 134 1.45 4.77 12.13
N VAL A 135 0.32 4.05 12.15
CA VAL A 135 -0.66 4.07 11.03
C VAL A 135 -1.26 5.49 10.92
N ALA A 136 -1.60 6.11 12.07
CA ALA A 136 -2.05 7.52 12.06
C ALA A 136 -1.02 8.38 11.38
N ARG A 137 0.25 8.25 11.78
CA ARG A 137 1.30 9.06 11.23
C ARG A 137 1.60 8.81 9.75
N ALA A 138 1.32 7.61 9.25
CA ALA A 138 1.38 7.32 7.85
C ALA A 138 0.42 8.17 7.06
N SER A 139 -0.74 8.43 7.66
CA SER A 139 -1.70 9.29 7.09
C SER A 139 -1.16 10.74 6.94
N THR A 140 -0.61 11.25 8.01
CA THR A 140 0.02 12.54 7.95
C THR A 140 1.12 12.62 6.93
N VAL A 141 2.00 11.60 6.89
CA VAL A 141 3.08 11.57 5.95
C VAL A 141 2.62 11.56 4.53
N VAL A 142 1.69 10.68 4.17
CA VAL A 142 1.30 10.53 2.78
C VAL A 142 0.57 11.82 2.28
N ALA A 143 -0.24 12.43 3.14
CA ALA A 143 -0.99 13.69 2.79
C ALA A 143 0.04 14.77 2.46
N ASN A 144 1.09 14.84 3.24
CA ASN A 144 2.06 15.91 3.07
C ASN A 144 3.08 15.66 2.01
N VAL A 145 3.34 14.39 1.67
CA VAL A 145 4.06 14.10 0.49
C VAL A 145 3.35 14.60 -0.78
N LEU A 146 2.03 14.36 -0.86
CA LEU A 146 1.29 14.84 -2.00
C LEU A 146 1.38 16.37 -2.05
N ARG A 147 1.22 16.97 -0.90
CA ARG A 147 1.14 18.49 -0.81
C ARG A 147 2.48 19.15 -1.08
N ALA A 148 3.56 18.52 -0.62
CA ALA A 148 4.87 18.99 -1.01
C ALA A 148 5.12 18.89 -2.54
N LYS A 149 4.79 17.75 -3.12
CA LYS A 149 5.05 17.57 -4.50
C LYS A 149 4.15 18.52 -5.33
N GLU A 150 2.99 18.88 -4.80
CA GLU A 150 2.10 19.85 -5.48
C GLU A 150 2.41 21.31 -5.18
N GLY A 151 3.30 21.57 -4.24
CA GLY A 151 3.63 22.97 -3.91
C GLY A 151 2.56 23.65 -3.07
N LYS A 152 1.83 22.89 -2.28
CA LYS A 152 0.83 23.43 -1.37
C LYS A 152 1.33 23.48 0.01
N LYS A 153 0.68 24.31 0.82
CA LYS A 153 0.94 24.37 2.23
C LYS A 153 0.73 23.03 2.95
N PRO A 154 1.49 22.73 4.02
CA PRO A 154 1.23 21.47 4.80
C PRO A 154 -0.13 21.41 5.49
N ALA A 155 -0.63 20.20 5.73
CA ALA A 155 -1.87 19.99 6.48
C ALA A 155 -1.75 18.74 7.30
N ILE A 156 -2.11 18.83 8.57
CA ILE A 156 -2.07 17.73 9.49
C ILE A 156 -3.47 17.22 9.58
N PRO A 157 -3.68 15.92 9.38
CA PRO A 157 -5.03 15.35 9.69
C PRO A 157 -5.58 15.67 11.02
N GLU A 158 -6.90 15.91 11.05
CA GLU A 158 -7.61 16.21 12.26
C GLU A 158 -8.77 15.23 12.46
N PRO A 159 -9.29 15.09 13.70
CA PRO A 159 -10.45 14.22 13.89
C PRO A 159 -11.60 14.55 12.96
N SER A 160 -12.32 13.49 12.59
CA SER A 160 -13.46 13.55 11.74
C SER A 160 -14.23 12.25 12.05
N GLU A 161 -15.27 11.98 11.29
CA GLU A 161 -16.02 10.75 11.48
C GLU A 161 -15.25 9.48 11.07
N SER A 162 -14.11 9.61 10.34
CA SER A 162 -13.31 8.42 10.04
C SER A 162 -11.88 8.75 9.56
N PHE A 163 -11.02 7.76 9.73
CA PHE A 163 -9.62 7.85 9.27
C PHE A 163 -9.56 8.18 7.78
N ALA A 164 -10.38 7.52 6.98
CA ALA A 164 -10.42 7.80 5.54
C ALA A 164 -10.81 9.23 5.23
N LYS A 165 -11.79 9.77 5.94
CA LYS A 165 -12.17 11.16 5.72
C LYS A 165 -11.12 12.17 6.20
N SER A 166 -10.52 11.92 7.35
CA SER A 166 -9.48 12.80 7.88
C SER A 166 -8.32 12.90 6.87
N PHE A 167 -7.98 11.77 6.27
CA PHE A 167 -6.87 11.65 5.27
C PHE A 167 -7.19 12.48 3.99
N LEU A 168 -8.41 12.32 3.50
CA LEU A 168 -8.86 13.05 2.35
C LEU A 168 -8.96 14.55 2.60
N LYS A 169 -9.44 14.93 3.76
CA LYS A 169 -9.53 16.34 4.14
C LYS A 169 -8.13 16.94 4.15
N ALA A 170 -7.19 16.19 4.71
CA ALA A 170 -5.80 16.70 4.83
C ALA A 170 -5.14 16.78 3.43
N SER A 171 -5.34 15.77 2.57
CA SER A 171 -4.76 15.69 1.25
C SER A 171 -5.24 16.84 0.36
N PHE A 172 -6.53 17.18 0.49
CA PHE A 172 -7.16 18.04 -0.52
C PHE A 172 -7.75 19.35 -0.03
N SER A 173 -7.86 19.56 1.27
CA SER A 173 -8.33 20.84 1.84
C SER A 173 -9.79 21.13 1.42
N ARG A 174 -10.59 20.09 1.31
CA ARG A 174 -11.99 20.19 0.92
C ARG A 174 -12.67 19.02 1.63
N THR A 175 -13.93 19.17 1.97
CA THR A 175 -14.65 18.07 2.64
C THR A 175 -15.01 17.08 1.56
N PRO A 176 -14.67 15.79 1.74
CA PRO A 176 -15.07 14.85 0.71
C PRO A 176 -16.59 14.41 0.85
N THR A 177 -17.16 13.89 -0.22
CA THR A 177 -18.50 13.33 -0.14
C THR A 177 -18.40 11.98 0.55
N GLU A 178 -19.52 11.49 1.03
CA GLU A 178 -19.64 10.18 1.61
C GLU A 178 -19.23 9.05 0.69
N GLU A 179 -19.49 9.17 -0.59
CA GLU A 179 -19.12 8.08 -1.45
C GLU A 179 -17.53 8.10 -1.63
N GLU A 180 -16.93 9.28 -1.59
CA GLU A 180 -15.43 9.41 -1.71
C GLU A 180 -14.81 8.81 -0.43
N VAL A 181 -15.42 9.09 0.72
CA VAL A 181 -14.93 8.59 2.00
C VAL A 181 -14.95 7.04 1.92
N LYS A 182 -16.07 6.49 1.47
CA LYS A 182 -16.23 5.07 1.45
C LYS A 182 -15.25 4.36 0.53
N ALA A 183 -14.96 4.99 -0.62
CA ALA A 183 -14.04 4.40 -1.56
C ALA A 183 -12.60 4.39 -0.96
N MET A 184 -12.24 5.49 -0.31
CA MET A 184 -10.88 5.57 0.34
C MET A 184 -10.81 4.53 1.43
N ASP A 185 -11.87 4.42 2.23
CA ASP A 185 -11.91 3.42 3.31
C ASP A 185 -11.74 1.99 2.77
N ALA A 186 -12.47 1.71 1.70
CA ALA A 186 -12.34 0.40 1.05
C ALA A 186 -10.92 0.16 0.55
N ALA A 187 -10.33 1.18 -0.06
CA ALA A 187 -8.96 1.03 -0.64
C ALA A 187 -7.96 0.70 0.53
N LEU A 188 -8.15 1.35 1.66
CA LEU A 188 -7.30 1.12 2.91
C LEU A 188 -7.42 -0.33 3.41
N ILE A 189 -8.66 -0.81 3.39
CA ILE A 189 -8.84 -2.21 3.72
C ILE A 189 -8.29 -3.21 2.71
N LEU A 190 -8.55 -2.93 1.42
CA LEU A 190 -8.20 -3.84 0.34
C LEU A 190 -6.72 -4.09 0.22
N TYR A 191 -5.90 -3.05 0.46
CA TYR A 191 -4.49 -3.21 0.36
C TYR A 191 -3.76 -3.49 1.71
N ALA A 192 -4.51 -3.70 2.83
CA ALA A 192 -3.90 -3.82 4.11
C ALA A 192 -2.87 -4.91 4.26
N ASP A 193 -3.11 -6.14 3.73
CA ASP A 193 -2.17 -7.18 3.80
C ASP A 193 -2.37 -8.29 2.74
N HIS A 194 -1.25 -8.87 2.25
CA HIS A 194 -1.36 -9.93 1.16
C HIS A 194 0.00 -10.50 0.98
N GLU A 195 0.18 -11.79 1.22
CA GLU A 195 1.41 -12.49 0.94
C GLU A 195 2.56 -11.88 1.79
N VAL A 196 3.81 -12.20 1.43
CA VAL A 196 5.00 -11.74 2.10
C VAL A 196 5.96 -11.20 1.03
N PRO A 197 5.57 -10.08 0.46
CA PRO A 197 6.45 -9.43 -0.56
C PRO A 197 7.77 -8.88 0.05
N ALA A 198 8.67 -8.38 -0.81
CA ALA A 198 9.94 -8.00 -0.36
C ALA A 198 9.84 -6.92 0.72
N SER A 199 8.85 -6.05 0.62
CA SER A 199 8.68 -4.99 1.65
C SER A 199 8.42 -5.61 3.07
N THR A 200 7.47 -6.56 3.14
CA THR A 200 7.21 -7.26 4.39
C THR A 200 8.44 -8.02 4.81
N THR A 201 9.16 -8.67 3.90
CA THR A 201 10.37 -9.37 4.24
C THR A 201 11.46 -8.46 4.86
N ALA A 202 11.62 -7.26 4.23
CA ALA A 202 12.62 -6.32 4.76
C ALA A 202 12.24 -5.86 6.17
N ALA A 203 10.92 -5.66 6.39
CA ALA A 203 10.44 -5.33 7.74
C ALA A 203 10.75 -6.40 8.76
N LEU A 204 10.50 -7.66 8.34
CA LEU A 204 10.81 -8.77 9.21
C LEU A 204 12.28 -8.88 9.59
N VAL A 205 13.20 -8.75 8.61
CA VAL A 205 14.61 -8.75 8.88
C VAL A 205 15.00 -7.68 9.84
N THR A 206 14.46 -6.47 9.63
CA THR A 206 14.82 -5.40 10.49
C THR A 206 14.27 -5.63 11.93
N SER A 207 13.06 -6.20 12.06
CA SER A 207 12.48 -6.47 13.39
C SER A 207 13.30 -7.56 14.14
N SER A 208 13.95 -8.44 13.35
CA SER A 208 14.80 -9.52 13.91
C SER A 208 15.92 -9.00 14.79
N THR A 209 16.35 -7.75 14.59
CA THR A 209 17.35 -7.16 15.44
C THR A 209 16.75 -6.34 16.60
N LEU A 210 15.42 -6.26 16.68
CA LEU A 210 14.66 -5.44 17.60
C LEU A 210 14.83 -3.99 17.29
N SER A 211 15.14 -3.64 16.01
CA SER A 211 14.98 -2.24 15.58
C SER A 211 13.54 -1.85 15.73
N ASP A 212 13.30 -0.56 16.00
CA ASP A 212 11.94 -0.14 16.31
C ASP A 212 11.01 -0.21 15.13
N ILE A 213 9.73 -0.26 15.44
CA ILE A 213 8.73 -0.48 14.43
C ILE A 213 8.75 0.54 13.29
N TYR A 214 9.09 1.82 13.59
CA TYR A 214 9.20 2.79 12.54
C TYR A 214 10.31 2.45 11.55
N SER A 215 11.46 2.09 12.09
CA SER A 215 12.58 1.56 11.23
C SER A 215 12.22 0.25 10.44
N CYS A 216 11.35 -0.60 11.01
CA CYS A 216 10.83 -1.77 10.24
C CYS A 216 10.07 -1.29 9.00
N VAL A 217 9.28 -0.20 9.17
CA VAL A 217 8.59 0.38 8.03
C VAL A 217 9.53 1.06 7.04
N VAL A 218 10.54 1.77 7.52
CA VAL A 218 11.61 2.35 6.69
C VAL A 218 12.13 1.28 5.71
N ALA A 219 12.49 0.16 6.28
CA ALA A 219 13.01 -0.95 5.46
C ALA A 219 12.01 -1.41 4.42
N ALA A 220 10.76 -1.56 4.83
CA ALA A 220 9.74 -1.92 3.92
C ALA A 220 9.54 -0.96 2.79
N LEU A 221 9.59 0.36 3.08
CA LEU A 221 9.56 1.35 2.05
C LEU A 221 10.73 1.34 1.14
N ALA A 222 11.93 1.11 1.67
CA ALA A 222 13.18 1.05 0.85
C ALA A 222 13.01 -0.07 -0.18
N ALA A 223 12.46 -1.22 0.27
CA ALA A 223 12.20 -2.28 -0.69
C ALA A 223 11.08 -1.95 -1.68
N LEU A 224 9.96 -1.37 -1.18
CA LEU A 224 8.87 -0.90 -2.03
C LEU A 224 9.28 0.06 -3.18
N LYS A 225 10.31 0.88 -2.95
CA LYS A 225 10.76 1.82 -3.92
C LYS A 225 11.29 1.16 -5.17
N GLY A 226 11.69 -0.11 -5.09
CA GLY A 226 12.27 -0.79 -6.23
C GLY A 226 11.20 -1.12 -7.26
N PRO A 227 11.54 -0.96 -8.57
CA PRO A 227 10.51 -1.12 -9.59
C PRO A 227 10.02 -2.55 -9.82
N LEU A 228 10.63 -3.55 -9.21
CA LEU A 228 10.07 -4.92 -9.27
C LEU A 228 9.04 -5.11 -8.15
N HIS A 229 8.76 -4.06 -7.36
CA HIS A 229 7.78 -4.19 -6.27
C HIS A 229 6.79 -3.06 -6.34
N GLY A 230 7.23 -1.81 -6.14
CA GLY A 230 6.34 -0.72 -6.33
C GLY A 230 6.03 -0.43 -7.80
N GLY A 231 5.05 0.40 -8.01
CA GLY A 231 4.77 0.96 -9.31
C GLY A 231 3.72 0.23 -10.13
N ALA A 232 3.20 -0.90 -9.58
CA ALA A 232 2.14 -1.67 -10.31
C ALA A 232 0.85 -0.92 -10.60
N ALA A 233 0.29 -0.20 -9.63
CA ALA A 233 -0.99 0.54 -9.85
C ALA A 233 -0.76 1.69 -10.87
N GLU A 234 0.39 2.38 -10.73
CA GLU A 234 0.85 3.33 -11.81
C GLU A 234 0.94 2.73 -13.25
N GLU A 235 1.61 1.62 -13.42
CA GLU A 235 1.86 1.05 -14.75
C GLU A 235 0.53 0.58 -15.37
N ALA A 236 -0.38 0.08 -14.53
CA ALA A 236 -1.71 -0.28 -15.01
C ALA A 236 -2.46 0.93 -15.52
N PHE A 237 -2.56 1.98 -14.70
CA PHE A 237 -3.31 3.17 -15.05
C PHE A 237 -2.73 3.93 -16.23
N LYS A 238 -1.39 3.90 -16.34
CA LYS A 238 -0.68 4.49 -17.51
C LYS A 238 -1.09 3.93 -18.89
N GLN A 239 -1.52 2.65 -18.96
CA GLN A 239 -2.24 2.15 -20.10
C GLN A 239 -3.43 3.02 -20.52
N PHE A 240 -4.27 3.34 -19.58
CA PHE A 240 -5.49 4.11 -19.79
C PHE A 240 -5.12 5.50 -20.26
N VAL A 241 -4.06 6.06 -19.67
CA VAL A 241 -3.65 7.40 -20.00
C VAL A 241 -3.15 7.40 -21.44
N GLU A 242 -2.44 6.40 -21.84
CA GLU A 242 -1.88 6.27 -23.15
C GLU A 242 -3.00 6.15 -24.19
N ILE A 243 -3.99 5.34 -23.86
CA ILE A 243 -5.19 5.20 -24.73
C ILE A 243 -5.93 6.50 -24.93
N GLY A 244 -6.17 7.24 -23.85
CA GLY A 244 -6.66 8.62 -23.91
C GLY A 244 -8.13 8.79 -24.02
N GLU A 245 -8.79 7.98 -24.86
CA GLU A 245 -10.19 8.07 -25.16
C GLU A 245 -10.74 6.66 -25.33
N PRO A 246 -11.91 6.36 -24.76
CA PRO A 246 -12.50 5.00 -24.86
C PRO A 246 -12.60 4.44 -26.27
N ASP A 247 -12.89 5.30 -27.26
CA ASP A 247 -13.03 4.81 -28.64
C ASP A 247 -11.70 4.43 -29.33
N MET A 248 -10.57 4.67 -28.66
CA MET A 248 -9.27 4.23 -29.06
C MET A 248 -8.78 2.94 -28.41
N THR A 249 -9.51 2.41 -27.42
CA THR A 249 -9.12 1.21 -26.70
C THR A 249 -8.94 0.00 -27.58
N GLU A 250 -9.88 -0.30 -28.51
CA GLU A 250 -9.77 -1.49 -29.34
C GLU A 250 -8.48 -1.45 -30.16
N SER A 251 -8.20 -0.28 -30.71
CA SER A 251 -6.99 -0.06 -31.50
C SER A 251 -5.70 -0.30 -30.71
N TRP A 252 -5.59 0.31 -29.54
CA TRP A 252 -4.44 0.21 -28.65
C TRP A 252 -4.27 -1.25 -28.26
N PHE A 253 -5.40 -1.88 -27.93
CA PHE A 253 -5.38 -3.35 -27.65
C PHE A 253 -4.92 -4.20 -28.80
N LYS A 254 -5.45 -3.98 -30.00
CA LYS A 254 -5.04 -4.72 -31.17
C LYS A 254 -3.54 -4.51 -31.51
N ARG A 255 -3.08 -3.27 -31.40
CA ARG A 255 -1.69 -2.92 -31.65
C ARG A 255 -0.69 -3.37 -30.58
N LYS A 256 -0.88 -2.93 -29.32
CA LYS A 256 0.03 -3.10 -28.14
C LYS A 256 0.00 -4.48 -27.49
N ILE A 257 -1.18 -5.13 -27.42
CA ILE A 257 -1.36 -6.42 -26.69
C ILE A 257 -1.40 -7.58 -27.64
N ILE A 258 -2.25 -7.52 -28.64
CA ILE A 258 -2.38 -8.61 -29.62
C ILE A 258 -1.21 -8.68 -30.59
N GLU A 259 -0.88 -7.56 -31.26
CA GLU A 259 0.15 -7.56 -32.30
C GLU A 259 1.52 -7.42 -31.68
N GLY A 260 1.65 -6.46 -30.78
CA GLY A 260 2.83 -6.30 -29.98
C GLY A 260 2.27 -7.00 -28.77
N LYS A 261 2.92 -8.05 -28.35
CA LYS A 261 2.52 -8.87 -27.25
C LYS A 261 3.05 -8.33 -25.93
N SER A 262 2.82 -7.05 -25.71
CA SER A 262 3.02 -6.46 -24.39
C SER A 262 2.13 -7.16 -23.34
N ARG A 263 2.61 -7.22 -22.08
CA ARG A 263 1.74 -7.69 -21.03
C ARG A 263 0.68 -6.66 -20.84
N LEU A 264 -0.53 -7.13 -20.60
CA LEU A 264 -1.59 -6.26 -20.20
C LEU A 264 -1.39 -6.04 -18.68
N MET A 265 -1.03 -4.83 -18.27
CA MET A 265 -0.85 -4.60 -16.83
C MET A 265 -2.10 -4.53 -16.01
N GLY A 266 -2.02 -5.01 -14.75
CA GLY A 266 -3.21 -5.10 -13.92
C GLY A 266 -4.04 -6.39 -14.18
N PHE A 267 -3.51 -7.26 -15.00
CA PHE A 267 -4.07 -8.60 -15.29
C PHE A 267 -3.07 -9.59 -14.87
N GLY A 268 -3.56 -10.71 -14.34
CA GLY A 268 -2.71 -11.84 -14.02
C GLY A 268 -2.26 -11.81 -12.55
N HIS A 269 -1.99 -12.98 -11.99
CA HIS A 269 -1.54 -13.05 -10.59
C HIS A 269 -0.88 -14.37 -10.36
N ARG A 270 0.14 -14.37 -9.51
CA ARG A 270 0.87 -15.64 -9.18
C ARG A 270 0.08 -16.60 -8.30
N VAL A 271 -0.91 -16.10 -7.60
CA VAL A 271 -1.77 -16.92 -6.68
C VAL A 271 -3.21 -17.08 -7.20
N TYR A 272 -3.89 -16.01 -7.56
CA TYR A 272 -5.29 -16.09 -7.99
C TYR A 272 -5.39 -16.66 -9.40
N LYS A 273 -6.27 -17.64 -9.53
CA LYS A 273 -6.65 -18.18 -10.85
C LYS A 273 -8.02 -17.71 -11.29
N THR A 274 -8.58 -16.72 -10.58
CA THR A 274 -9.84 -16.14 -10.85
C THR A 274 -9.67 -14.61 -10.77
N TYR A 275 -10.77 -13.87 -10.90
CA TYR A 275 -10.77 -12.45 -10.50
C TYR A 275 -10.14 -12.36 -9.10
N ASP A 276 -9.27 -11.39 -8.93
CA ASP A 276 -8.77 -11.10 -7.59
C ASP A 276 -9.94 -10.58 -6.86
N PRO A 277 -10.25 -11.11 -5.64
CA PRO A 277 -11.42 -10.60 -4.92
C PRO A 277 -11.34 -9.14 -4.64
N ARG A 278 -10.10 -8.61 -4.57
CA ARG A 278 -9.92 -7.13 -4.47
C ARG A 278 -10.31 -6.29 -5.69
N ALA A 279 -10.09 -6.84 -6.90
CA ALA A 279 -10.47 -6.19 -8.16
C ALA A 279 -11.89 -5.78 -8.35
N LYS A 280 -12.82 -6.71 -8.00
CA LYS A 280 -14.23 -6.46 -8.08
C LYS A 280 -14.66 -5.36 -7.18
N ILE A 281 -14.00 -5.31 -6.01
CA ILE A 281 -14.37 -4.33 -5.05
C ILE A 281 -13.87 -2.96 -5.50
N PHE A 282 -12.60 -2.85 -5.89
CA PHE A 282 -12.06 -1.53 -6.35
C PHE A 282 -12.93 -0.98 -7.55
N LYS A 283 -13.23 -1.88 -8.40
CA LYS A 283 -14.24 -1.54 -9.53
C LYS A 283 -15.59 -0.93 -9.17
N LYS A 284 -16.25 -1.48 -8.16
CA LYS A 284 -17.51 -0.99 -7.69
C LYS A 284 -17.37 0.42 -7.22
N TYR A 285 -16.30 0.68 -6.43
CA TYR A 285 -16.14 2.06 -5.89
C TYR A 285 -15.67 3.00 -6.98
N ALA A 286 -14.88 2.49 -7.92
CA ALA A 286 -14.46 3.30 -9.07
C ALA A 286 -15.68 3.83 -9.86
N LYS A 287 -16.65 2.94 -10.08
CA LYS A 287 -17.85 3.32 -10.88
C LYS A 287 -18.61 4.45 -10.22
N VAL A 288 -18.78 4.37 -8.93
CA VAL A 288 -19.52 5.37 -8.17
C VAL A 288 -18.83 6.72 -8.20
N ILE A 289 -17.57 6.78 -7.77
CA ILE A 289 -16.92 8.15 -7.64
C ILE A 289 -16.38 8.77 -8.94
N SER A 290 -16.19 7.94 -9.96
CA SER A 290 -15.75 8.42 -11.30
C SER A 290 -16.79 9.22 -12.08
N GLU A 291 -18.07 9.11 -11.74
CA GLU A 291 -19.11 9.59 -12.63
C GLU A 291 -19.24 11.10 -12.51
N ARG A 292 -18.90 11.63 -11.34
CA ARG A 292 -18.88 13.08 -11.10
C ARG A 292 -18.02 13.86 -12.09
N ASN A 293 -16.77 13.44 -12.24
CA ASN A 293 -15.80 14.15 -13.10
C ASN A 293 -15.66 13.46 -14.48
N SER A 294 -15.76 14.24 -15.56
CA SER A 294 -15.60 13.70 -16.95
C SER A 294 -14.23 13.02 -17.20
N ASP A 295 -13.18 13.50 -16.55
CA ASP A 295 -11.84 12.91 -16.66
C ASP A 295 -11.73 11.49 -16.06
N ALA A 296 -12.13 11.39 -14.79
CA ALA A 296 -12.15 10.11 -14.08
C ALA A 296 -13.08 9.13 -14.76
N ARG A 297 -14.24 9.62 -15.21
CA ARG A 297 -15.23 8.79 -15.95
C ARG A 297 -14.62 8.22 -17.23
N LYS A 298 -13.92 9.08 -17.98
CA LYS A 298 -13.24 8.65 -19.19
C LYS A 298 -12.27 7.49 -18.93
N TYR A 299 -11.41 7.63 -17.90
CA TYR A 299 -10.52 6.53 -17.56
C TYR A 299 -11.22 5.27 -17.02
N PHE A 300 -12.27 5.44 -16.23
CA PHE A 300 -13.09 4.31 -15.84
C PHE A 300 -13.63 3.64 -17.09
N GLU A 301 -14.14 4.45 -18.03
CA GLU A 301 -14.76 3.85 -19.26
C GLU A 301 -13.69 3.13 -20.05
N ILE A 302 -12.48 3.70 -20.20
CA ILE A 302 -11.39 2.93 -20.87
C ILE A 302 -11.00 1.65 -20.18
N ALA A 303 -10.82 1.74 -18.84
CA ALA A 303 -10.50 0.53 -18.08
C ALA A 303 -11.55 -0.59 -18.22
N GLN A 304 -12.82 -0.21 -18.14
CA GLN A 304 -13.94 -1.19 -18.37
C GLN A 304 -13.82 -1.84 -19.75
N LYS A 305 -13.53 -1.03 -20.77
CA LYS A 305 -13.38 -1.62 -22.11
C LYS A 305 -12.19 -2.51 -22.19
N LEU A 306 -11.07 -2.08 -21.57
CA LEU A 306 -9.95 -3.04 -21.59
C LEU A 306 -10.17 -4.28 -20.78
N GLU A 307 -10.87 -4.12 -19.65
CA GLU A 307 -11.28 -5.33 -18.88
C GLU A 307 -11.96 -6.31 -19.80
N GLU A 308 -12.93 -5.84 -20.57
CA GLU A 308 -13.63 -6.78 -21.51
C GLU A 308 -12.80 -7.42 -22.56
N LEU A 309 -11.99 -6.60 -23.22
CA LEU A 309 -11.10 -7.14 -24.22
C LEU A 309 -10.09 -8.03 -23.54
N GLY A 310 -9.52 -7.55 -22.43
CA GLY A 310 -8.66 -8.45 -21.67
C GLY A 310 -9.22 -9.81 -21.21
N VAL A 311 -10.43 -9.83 -20.65
CA VAL A 311 -10.98 -11.17 -20.22
C VAL A 311 -11.36 -12.03 -21.43
N GLU A 312 -11.87 -11.41 -22.49
CA GLU A 312 -12.17 -12.13 -23.73
C GLU A 312 -10.91 -12.80 -24.24
N THR A 313 -9.74 -12.16 -24.12
CA THR A 313 -8.47 -12.68 -24.67
C THR A 313 -7.74 -13.67 -23.74
N PHE A 314 -7.75 -13.35 -22.45
CA PHE A 314 -6.96 -14.02 -21.43
C PHE A 314 -7.71 -14.85 -20.38
N GLY A 315 -9.05 -14.72 -20.31
CA GLY A 315 -9.82 -15.32 -19.21
C GLY A 315 -9.72 -16.87 -19.25
N ALA A 316 -9.76 -17.42 -20.45
CA ALA A 316 -9.65 -18.90 -20.63
C ALA A 316 -8.31 -19.45 -20.14
N LYS A 317 -7.29 -18.57 -20.10
CA LYS A 317 -6.00 -18.87 -19.52
C LYS A 317 -5.89 -18.65 -17.98
N HIS A 318 -7.03 -18.34 -17.34
CA HIS A 318 -7.06 -17.97 -15.90
C HIS A 318 -6.25 -16.70 -15.56
N ILE A 319 -6.35 -15.71 -16.45
CA ILE A 319 -5.66 -14.45 -16.29
C ILE A 319 -6.82 -13.42 -16.32
N TYR A 320 -6.97 -12.80 -15.16
CA TYR A 320 -8.08 -11.98 -14.95
C TYR A 320 -7.54 -10.70 -14.34
N PRO A 321 -8.39 -9.72 -14.17
CA PRO A 321 -7.97 -8.43 -13.46
C PRO A 321 -7.40 -8.76 -12.11
N ASN A 322 -6.37 -8.02 -11.74
CA ASN A 322 -5.84 -8.08 -10.42
C ASN A 322 -6.09 -6.80 -9.68
N THR A 323 -5.61 -6.73 -8.42
CA THR A 323 -6.00 -5.67 -7.52
C THR A 323 -5.54 -4.30 -8.05
N ASP A 324 -4.55 -4.32 -8.93
CA ASP A 324 -3.86 -3.11 -9.38
C ASP A 324 -4.57 -2.51 -10.62
N PHE A 325 -5.57 -3.19 -11.19
CA PHE A 325 -6.25 -2.72 -12.42
C PHE A 325 -7.18 -1.58 -12.23
N TYR A 326 -8.03 -1.60 -11.19
CA TYR A 326 -8.88 -0.47 -10.87
C TYR A 326 -8.48 0.39 -9.71
N SER A 327 -7.38 0.05 -9.00
CA SER A 327 -7.10 0.83 -7.78
C SER A 327 -6.71 2.25 -8.20
N GLY A 328 -5.92 2.39 -9.30
CA GLY A 328 -5.58 3.69 -9.84
C GLY A 328 -6.77 4.52 -10.24
N VAL A 329 -7.78 3.85 -10.83
CA VAL A 329 -9.00 4.51 -11.17
C VAL A 329 -9.69 5.13 -9.94
N VAL A 330 -9.74 4.38 -8.82
CA VAL A 330 -10.19 4.94 -7.54
C VAL A 330 -9.36 6.15 -7.11
N PHE A 331 -8.04 5.96 -7.04
CA PHE A 331 -7.20 7.00 -6.47
C PHE A 331 -7.27 8.25 -7.30
N TYR A 332 -7.28 8.06 -8.61
CA TYR A 332 -7.46 9.17 -9.56
C TYR A 332 -8.76 9.88 -9.43
N ALA A 333 -9.83 9.13 -9.32
CA ALA A 333 -11.16 9.72 -9.01
C ALA A 333 -11.28 10.47 -7.72
N LEU A 334 -10.52 10.06 -6.70
CA LEU A 334 -10.44 10.83 -5.48
C LEU A 334 -9.71 12.15 -5.58
N GLY A 335 -8.86 12.29 -6.60
CA GLY A 335 -8.13 13.50 -6.88
C GLY A 335 -6.61 13.31 -6.77
N PHE A 336 -6.14 12.08 -6.62
CA PHE A 336 -4.69 11.82 -6.43
C PHE A 336 -4.04 11.68 -7.77
N PRO A 337 -2.88 12.36 -7.95
CA PRO A 337 -2.09 12.10 -9.13
C PRO A 337 -1.54 10.71 -9.17
N VAL A 338 -1.15 10.28 -10.34
CA VAL A 338 -0.68 8.98 -10.64
C VAL A 338 0.63 8.69 -9.79
N TYR A 339 1.40 9.73 -9.50
CA TYR A 339 2.68 9.51 -8.81
C TYR A 339 2.47 9.12 -7.38
N MET A 340 1.22 9.24 -6.88
CA MET A 340 0.89 8.88 -5.48
C MET A 340 0.47 7.41 -5.33
N PHE A 341 0.25 6.67 -6.42
CA PHE A 341 -0.46 5.35 -6.29
C PHE A 341 0.20 4.29 -5.37
N THR A 342 1.52 4.12 -5.48
CA THR A 342 2.25 3.19 -4.64
C THR A 342 2.30 3.72 -3.21
N SER A 343 2.39 5.07 -2.98
CA SER A 343 2.34 5.61 -1.64
C SER A 343 1.03 5.37 -0.94
N LEU A 344 -0.06 5.38 -1.74
CA LEU A 344 -1.40 5.08 -1.21
C LEU A 344 -1.53 3.55 -0.89
N PHE A 345 -1.00 2.71 -1.72
CA PHE A 345 -0.77 1.30 -1.34
C PHE A 345 -0.01 1.19 0.04
N ALA A 346 1.07 1.93 0.16
CA ALA A 346 1.91 1.84 1.38
C ALA A 346 1.17 2.29 2.59
N LEU A 347 0.37 3.38 2.48
CA LEU A 347 -0.47 3.84 3.59
C LEU A 347 -1.28 2.68 4.21
N SER A 348 -1.98 2.00 3.32
CA SER A 348 -2.75 0.81 3.68
C SER A 348 -1.89 -0.30 4.23
N ARG A 349 -0.78 -0.58 3.59
CA ARG A 349 0.03 -1.77 3.91
C ARG A 349 0.86 -1.58 5.24
N THR A 350 0.99 -0.33 5.76
CA THR A 350 1.54 -0.17 7.07
C THR A 350 0.84 -1.01 8.11
N LEU A 351 -0.45 -1.25 7.91
CA LEU A 351 -1.16 -2.14 8.79
C LEU A 351 -0.62 -3.59 8.76
N GLY A 352 -0.46 -4.17 7.59
CA GLY A 352 0.06 -5.52 7.51
C GLY A 352 1.52 -5.58 7.92
N TRP A 353 2.31 -4.54 7.58
CA TRP A 353 3.68 -4.51 7.96
C TRP A 353 3.87 -4.58 9.49
N THR A 354 3.19 -3.67 10.17
CA THR A 354 3.27 -3.60 11.60
C THR A 354 2.75 -4.90 12.28
N ALA A 355 1.66 -5.43 11.75
CA ALA A 355 1.00 -6.61 12.38
C ALA A 355 1.92 -7.83 12.16
N HIS A 356 2.49 -7.95 10.97
CA HIS A 356 3.47 -9.06 10.73
C HIS A 356 4.65 -8.98 11.66
N VAL A 357 5.28 -7.79 11.86
CA VAL A 357 6.47 -7.67 12.70
C VAL A 357 6.12 -7.88 14.17
N ILE A 358 4.95 -7.42 14.61
CA ILE A 358 4.51 -7.71 15.98
C ILE A 358 4.37 -9.25 16.19
N GLU A 359 3.74 -9.92 15.27
CA GLU A 359 3.59 -11.42 15.33
C GLU A 359 4.91 -12.08 15.37
N TYR A 360 5.82 -11.62 14.48
CA TYR A 360 7.14 -12.20 14.40
C TYR A 360 7.96 -12.00 15.67
N VAL A 361 8.06 -10.77 16.20
CA VAL A 361 8.84 -10.51 17.37
C VAL A 361 8.24 -11.22 18.59
N GLU A 362 6.92 -11.16 18.72
CA GLU A 362 6.32 -11.64 20.00
C GLU A 362 6.31 -13.14 20.01
N ASP A 363 6.02 -13.77 18.89
CA ASP A 363 5.69 -15.19 18.91
C ASP A 363 6.81 -16.06 18.36
N GLN A 364 7.62 -15.52 17.46
CA GLN A 364 8.50 -16.33 16.60
C GLN A 364 9.90 -15.77 16.43
N HIS A 365 10.44 -15.07 17.44
CA HIS A 365 11.65 -14.27 17.24
C HIS A 365 12.88 -15.16 17.03
N ARG A 366 13.71 -14.78 16.07
CA ARG A 366 15.14 -15.11 16.11
C ARG A 366 15.87 -14.12 15.23
N LEU A 367 17.14 -13.82 15.56
CA LEU A 367 17.99 -12.98 14.70
C LEU A 367 18.14 -13.63 13.31
N ILE A 368 17.92 -12.85 12.25
CA ILE A 368 18.00 -13.37 10.89
C ILE A 368 19.49 -13.17 10.53
N ARG A 369 20.23 -14.29 10.35
CA ARG A 369 21.64 -14.28 9.94
C ARG A 369 22.00 -15.48 9.01
N PRO A 370 21.67 -15.38 7.70
CA PRO A 370 22.05 -16.44 6.73
C PRO A 370 23.55 -16.45 6.42
N ARG A 371 23.96 -17.21 5.40
CA ARG A 371 25.38 -17.37 5.11
C ARG A 371 25.67 -17.12 3.66
N ALA A 372 26.94 -16.83 3.40
CA ALA A 372 27.43 -16.65 2.03
C ALA A 372 28.54 -17.70 1.79
N LEU A 373 28.43 -18.45 0.72
CA LEU A 373 29.49 -19.41 0.35
C LEU A 373 30.66 -18.78 -0.42
N TYR A 374 31.89 -18.82 0.12
CA TYR A 374 33.07 -18.22 -0.56
C TYR A 374 33.48 -18.99 -1.81
N VAL A 375 33.48 -18.30 -2.95
CA VAL A 375 33.90 -18.89 -4.23
C VAL A 375 34.91 -18.04 -4.91
N GLY A 376 35.61 -17.22 -4.16
CA GLY A 376 36.51 -16.24 -4.72
C GLY A 376 37.93 -16.77 -4.75
N PRO A 377 38.89 -15.86 -4.92
CA PRO A 377 40.30 -16.23 -5.03
C PRO A 377 40.93 -16.94 -3.84
N LEU A 378 41.91 -17.79 -4.13
CA LEU A 378 42.69 -18.45 -3.14
C LEU A 378 43.68 -17.49 -2.62
N LYS A 379 44.34 -17.87 -1.54
CA LYS A 379 45.36 -17.06 -0.92
C LYS A 379 46.32 -16.42 -1.91
N ARG A 380 46.60 -15.11 -1.75
CA ARG A 380 47.57 -14.39 -2.54
C ARG A 380 48.14 -13.31 -1.70
N ASP A 381 49.33 -12.87 -2.05
CA ASP A 381 50.04 -11.86 -1.31
C ASP A 381 49.86 -10.53 -1.93
N VAL A 382 49.74 -9.48 -1.10
CA VAL A 382 49.78 -8.09 -1.57
C VAL A 382 51.14 -7.82 -2.30
N VAL A 383 51.00 -7.41 -3.56
CA VAL A 383 52.11 -6.94 -4.41
C VAL A 383 52.22 -5.44 -4.28
N PRO A 384 53.43 -4.89 -4.19
CA PRO A 384 53.53 -3.42 -4.17
C PRO A 384 52.93 -2.80 -5.41
N ILE A 385 52.41 -1.60 -5.27
CA ILE A 385 51.60 -1.04 -6.32
C ILE A 385 52.43 -0.80 -7.62
N GLU A 386 53.73 -0.55 -7.47
CA GLU A 386 54.68 -0.41 -8.61
C GLU A 386 54.70 -1.66 -9.51
N LEU A 387 54.48 -2.82 -8.90
CA LEU A 387 54.49 -4.13 -9.59
C LEU A 387 53.15 -4.52 -10.16
N ARG A 388 52.11 -3.69 -9.98
CA ARG A 388 50.79 -4.02 -10.51
C ARG A 388 50.62 -3.60 -11.90
#